data_2ZEX
#
_entry.id   2ZEX
#
_cell.length_a   32.466
_cell.length_b   48.829
_cell.length_c   49.356
_cell.angle_alpha   62.03
_cell.angle_beta   84.88
_cell.angle_gamma   85.95
#
_symmetry.space_group_name_H-M   'P 1'
#
loop_
_entity.id
_entity.type
_entity.pdbx_description
1 polymer 'S-layer associated multidomain endoglucanase'
2 branched beta-D-glucopyranose-(1-4)-beta-D-glucopyranose-(1-4)-beta-D-glucopyranose-(1-4)-beta-D-glucopyranose-(1-4)-beta-D-glucopyranose
3 non-polymer 'CALCIUM ION'
4 water water
#
_entity_poly.entity_id   1
_entity_poly.type   'polypeptide(L)'
_entity_poly.pdbx_seq_one_letter_code
;GAHMVNMVSNPGFEDGLDSWQDWQQDMSAVPEAAHNGALGLKIGGGKAAGGGQDIPLKPNTTYILGAWAKFDSKPAGTFD
VVVQYHLKDANNTYVQHILNFNETDWTYKQLLFTTPDVFGSTPQLALWKGDTSKANLYVDDVYLVEV
;
_entity_poly.pdbx_strand_id   A,B
#
loop_
_chem_comp.id
_chem_comp.type
_chem_comp.name
_chem_comp.formula
BGC D-saccharide, beta linking beta-D-glucopyranose 'C6 H12 O6'
CA non-polymer 'CALCIUM ION' 'Ca 2'
#
# COMPACT_ATOMS: atom_id res chain seq x y z
N GLY A 1 -7.77 23.07 12.16
CA GLY A 1 -7.55 23.94 13.35
C GLY A 1 -6.89 23.19 14.46
N ALA A 2 -5.57 23.29 14.55
CA ALA A 2 -4.73 24.06 13.61
C ALA A 2 -4.53 23.34 12.28
N HIS A 3 -4.89 22.05 12.27
CA HIS A 3 -4.83 21.24 11.07
C HIS A 3 -6.09 20.41 10.94
N MET A 4 -6.39 20.04 9.70
CA MET A 4 -7.42 19.07 9.41
C MET A 4 -6.72 17.78 9.00
N VAL A 5 -7.00 16.69 9.72
CA VAL A 5 -6.38 15.42 9.39
C VAL A 5 -7.13 14.72 8.27
N ASN A 6 -6.42 14.40 7.20
CA ASN A 6 -6.94 13.54 6.13
C ASN A 6 -6.31 12.15 6.25
N MET A 7 -7.16 11.14 6.21
CA MET A 7 -6.73 9.77 6.45
C MET A 7 -6.40 8.98 5.18
N VAL A 8 -6.70 9.53 4.00
CA VAL A 8 -6.45 8.84 2.74
C VAL A 8 -5.03 9.12 2.28
N SER A 9 -4.24 8.07 2.09
CA SER A 9 -2.91 8.23 1.52
C SER A 9 -2.99 8.45 0.02
N ASN A 10 -2.20 9.39 -0.48
CA ASN A 10 -2.18 9.71 -1.91
C ASN A 10 -3.60 10.00 -2.45
N PRO A 11 -4.29 10.95 -1.82
CA PRO A 11 -5.71 11.17 -2.11
C PRO A 11 -5.99 11.75 -3.49
N GLY A 12 -4.98 12.40 -4.07
CA GLY A 12 -5.12 13.01 -5.37
C GLY A 12 -4.43 12.25 -6.48
N PHE A 13 -3.95 11.05 -6.18
CA PHE A 13 -3.22 10.22 -7.16
C PHE A 13 -1.98 10.93 -7.70
N GLU A 14 -1.49 11.92 -6.97
CA GLU A 14 -0.32 12.67 -7.45
C GLU A 14 0.94 11.83 -7.35
N ASP A 15 0.91 10.81 -6.51
CA ASP A 15 1.98 9.82 -6.44
C ASP A 15 1.61 8.54 -7.20
N GLY A 16 0.87 8.71 -8.29
CA GLY A 16 0.51 7.56 -9.11
C GLY A 16 -0.43 6.64 -8.36
N LEU A 17 -0.16 5.35 -8.41
CA LEU A 17 -0.96 4.38 -7.69
C LEU A 17 -0.42 4.04 -6.30
N ASP A 18 0.56 4.82 -5.82
CA ASP A 18 1.12 4.58 -4.48
C ASP A 18 -0.02 4.51 -3.48
N SER A 19 0.07 3.52 -2.60
CA SER A 19 -0.88 3.32 -1.48
C SER A 19 -2.23 2.73 -1.88
N TRP A 20 -2.48 2.54 -3.17
CA TRP A 20 -3.77 2.05 -3.66
C TRP A 20 -3.61 0.64 -4.19
N GLN A 21 -4.52 -0.25 -3.80
CA GLN A 21 -4.57 -1.61 -4.35
C GLN A 21 -5.39 -1.61 -5.64
N ASP A 22 -4.89 -2.30 -6.67
CA ASP A 22 -5.56 -2.40 -7.96
C ASP A 22 -6.12 -3.80 -8.11
N TRP A 23 -7.40 -3.95 -7.78
CA TRP A 23 -7.99 -5.27 -7.60
C TRP A 23 -8.21 -6.08 -8.89
N GLN A 24 -8.52 -5.40 -9.98
CA GLN A 24 -8.85 -6.04 -11.24
C GLN A 24 -7.86 -5.69 -12.35
N GLN A 25 -6.69 -5.17 -11.97
CA GLN A 25 -5.67 -4.76 -12.95
C GLN A 25 -6.28 -3.86 -14.03
N ASP A 26 -7.00 -2.83 -13.57
CA ASP A 26 -7.80 -1.99 -14.45
C ASP A 26 -7.71 -0.52 -14.04
N MET A 27 -6.64 -0.18 -13.32
CA MET A 27 -6.42 1.17 -12.81
C MET A 27 -5.16 1.77 -13.37
N SER A 28 -5.20 3.07 -13.65
CA SER A 28 -3.99 3.80 -13.98
C SER A 28 -4.14 5.24 -13.48
N ALA A 29 -3.02 5.84 -13.07
CA ALA A 29 -3.00 7.23 -12.67
C ALA A 29 -2.49 8.00 -13.88
N VAL A 30 -3.39 8.77 -14.50
CA VAL A 30 -3.10 9.41 -15.78
C VAL A 30 -3.63 10.84 -15.81
N PRO A 31 -2.99 11.71 -16.60
CA PRO A 31 -3.43 13.10 -16.72
C PRO A 31 -4.90 13.22 -17.15
N GLU A 32 -5.34 12.32 -18.04
CA GLU A 32 -6.72 12.27 -18.56
C GLU A 32 -7.76 12.34 -17.44
N ALA A 33 -7.45 11.72 -16.30
CA ALA A 33 -8.40 11.58 -15.21
C ALA A 33 -8.27 12.64 -14.12
N ALA A 34 -7.40 13.65 -14.33
CA ALA A 34 -7.15 14.64 -13.28
C ALA A 34 -8.29 15.65 -13.17
N HIS A 35 -8.75 15.91 -11.94
CA HIS A 35 -9.58 17.07 -11.65
C HIS A 35 -8.75 18.19 -11.01
N ASN A 36 -7.66 17.79 -10.34
CA ASN A 36 -6.76 18.69 -9.64
C ASN A 36 -5.37 18.09 -9.77
N GLY A 37 -4.36 18.93 -9.84
CA GLY A 37 -2.98 18.43 -9.95
C GLY A 37 -2.69 17.83 -11.31
N ALA A 38 -1.70 16.96 -11.38
CA ALA A 38 -1.20 16.41 -12.64
C ALA A 38 -1.91 15.12 -13.06
N LEU A 39 -2.54 14.42 -12.11
CA LEU A 39 -3.03 13.06 -12.35
C LEU A 39 -4.37 12.85 -11.67
N GLY A 40 -5.13 11.89 -12.19
CA GLY A 40 -6.27 11.33 -11.48
C GLY A 40 -6.27 9.84 -11.71
N LEU A 41 -7.21 9.15 -11.07
CA LEU A 41 -7.36 7.72 -11.26
C LEU A 41 -8.35 7.43 -12.37
N LYS A 42 -7.91 6.65 -13.37
CA LYS A 42 -8.79 6.12 -14.40
C LYS A 42 -9.03 4.64 -14.13
N ILE A 43 -10.31 4.27 -13.99
CA ILE A 43 -10.70 2.86 -13.90
C ILE A 43 -11.34 2.52 -15.25
N GLY A 44 -10.70 1.62 -15.99
CA GLY A 44 -11.10 1.35 -17.35
C GLY A 44 -12.44 0.67 -17.49
N GLY A 45 -13.19 1.06 -18.49
CA GLY A 45 -14.52 0.51 -18.73
C GLY A 45 -14.50 -0.91 -19.25
N GLY A 46 -15.70 -1.50 -19.33
CA GLY A 46 -15.89 -2.79 -19.96
C GLY A 46 -16.06 -3.96 -19.01
N LYS A 47 -15.74 -3.75 -17.73
CA LYS A 47 -15.93 -4.77 -16.70
C LYS A 47 -16.00 -4.07 -15.35
N ALA A 48 -16.60 -4.73 -14.36
CA ALA A 48 -16.60 -4.21 -12.99
C ALA A 48 -15.17 -4.23 -12.44
N ALA A 49 -14.77 -3.14 -11.80
CA ALA A 49 -13.41 -3.04 -11.30
C ALA A 49 -13.29 -1.97 -10.24
N GLY A 50 -12.26 -2.09 -9.42
CA GLY A 50 -12.01 -1.06 -8.43
C GLY A 50 -10.68 -1.25 -7.73
N GLY A 51 -10.51 -0.48 -6.67
CA GLY A 51 -9.33 -0.56 -5.86
C GLY A 51 -9.60 0.07 -4.51
N GLY A 52 -8.61 0.11 -3.65
CA GLY A 52 -8.85 0.62 -2.34
C GLY A 52 -7.63 0.64 -1.46
N GLN A 53 -7.86 1.06 -0.22
CA GLN A 53 -6.80 1.07 0.77
C GLN A 53 -7.40 0.88 2.15
N ASP A 54 -6.63 0.32 3.06
CA ASP A 54 -7.06 0.12 4.44
C ASP A 54 -6.71 1.35 5.24
N ILE A 55 -7.64 1.78 6.09
CA ILE A 55 -7.46 3.05 6.80
C ILE A 55 -7.72 2.86 8.28
N PRO A 56 -6.74 3.19 9.13
CA PRO A 56 -6.85 3.00 10.58
C PRO A 56 -7.62 4.12 11.28
N LEU A 57 -8.94 4.10 11.17
CA LEU A 57 -9.78 5.14 11.79
C LEU A 57 -9.81 5.04 13.29
N LYS A 58 -9.98 6.19 13.93
CA LYS A 58 -10.13 6.25 15.37
C LYS A 58 -11.58 5.94 15.74
N PRO A 59 -11.78 5.29 16.90
CA PRO A 59 -13.14 5.08 17.39
C PRO A 59 -13.80 6.39 17.85
N ASN A 60 -15.13 6.38 17.90
CA ASN A 60 -15.91 7.51 18.44
C ASN A 60 -15.56 8.85 17.81
N THR A 61 -15.32 8.86 16.50
CA THR A 61 -14.81 10.04 15.81
C THR A 61 -15.64 10.35 14.57
N THR A 62 -15.88 11.65 14.36
CA THR A 62 -16.59 12.12 13.18
C THR A 62 -15.65 12.31 12.01
N TYR A 63 -16.03 11.71 10.88
CA TYR A 63 -15.28 11.82 9.63
C TYR A 63 -16.17 12.30 8.50
N ILE A 64 -15.55 13.03 7.58
CA ILE A 64 -16.22 13.44 6.35
C ILE A 64 -15.53 12.79 5.15
N LEU A 65 -16.26 11.98 4.42
CA LEU A 65 -15.80 11.36 3.19
C LEU A 65 -16.21 12.23 2.01
N GLY A 66 -15.29 12.54 1.11
CA GLY A 66 -15.60 13.32 -0.08
C GLY A 66 -14.80 12.83 -1.27
N ALA A 67 -15.32 13.05 -2.47
CA ALA A 67 -14.61 12.65 -3.68
C ALA A 67 -15.19 13.36 -4.88
N TRP A 68 -14.35 13.52 -5.91
CA TRP A 68 -14.76 14.00 -7.23
C TRP A 68 -14.72 12.84 -8.22
N ALA A 69 -15.74 12.73 -9.07
CA ALA A 69 -15.74 11.67 -10.08
C ALA A 69 -16.52 12.08 -11.31
N LYS A 70 -16.20 11.44 -12.42
CA LYS A 70 -17.06 11.48 -13.61
C LYS A 70 -16.78 10.28 -14.49
N PHE A 71 -17.83 9.80 -15.14
CA PHE A 71 -17.69 8.83 -16.22
C PHE A 71 -17.49 9.57 -17.54
N ASP A 72 -16.75 8.97 -18.47
CA ASP A 72 -16.51 9.63 -19.76
C ASP A 72 -17.58 9.36 -20.83
N SER A 73 -18.59 8.56 -20.47
CA SER A 73 -19.82 8.37 -21.26
C SER A 73 -20.85 7.80 -20.28
N LYS A 74 -22.10 7.75 -20.72
CA LYS A 74 -23.20 7.33 -19.84
C LYS A 74 -23.04 5.92 -19.31
N PRO A 75 -22.98 5.74 -17.97
CA PRO A 75 -22.91 4.37 -17.42
C PRO A 75 -24.30 3.73 -17.29
N ALA A 76 -24.29 2.41 -17.17
CA ALA A 76 -25.48 1.64 -16.83
C ALA A 76 -25.64 1.57 -15.30
N GLY A 77 -24.54 1.33 -14.61
CA GLY A 77 -24.52 1.29 -13.15
C GLY A 77 -23.88 2.53 -12.57
N THR A 78 -23.07 2.34 -11.53
CA THR A 78 -22.51 3.46 -10.79
C THR A 78 -21.03 3.24 -10.48
N PHE A 79 -20.41 4.29 -9.97
CA PHE A 79 -19.12 4.23 -9.32
C PHE A 79 -19.37 4.65 -7.87
N ASP A 80 -18.91 3.83 -6.94
CA ASP A 80 -19.17 4.02 -5.52
C ASP A 80 -17.87 4.24 -4.76
N VAL A 81 -17.89 5.22 -3.86
CA VAL A 81 -16.80 5.49 -2.94
C VAL A 81 -17.32 5.11 -1.56
N VAL A 82 -16.63 4.20 -0.89
CA VAL A 82 -17.19 3.55 0.29
C VAL A 82 -16.19 3.45 1.42
N VAL A 83 -16.60 3.80 2.64
CA VAL A 83 -15.85 3.39 3.82
C VAL A 83 -16.63 2.26 4.48
N GLN A 84 -15.96 1.15 4.77
CA GLN A 84 -16.65 -0.04 5.25
C GLN A 84 -15.83 -0.74 6.33
N TYR A 85 -16.53 -1.31 7.30
CA TYR A 85 -15.91 -2.03 8.41
C TYR A 85 -17.00 -2.82 9.12
N HIS A 86 -16.61 -3.84 9.87
CA HIS A 86 -17.54 -4.54 10.74
C HIS A 86 -17.60 -3.91 12.13
N LEU A 87 -18.77 -3.98 12.74
CA LEU A 87 -18.94 -3.73 14.16
C LEU A 87 -18.59 -4.98 14.95
N LYS A 88 -18.27 -4.78 16.23
CA LYS A 88 -18.09 -5.89 17.16
C LYS A 88 -19.35 -6.08 17.97
N ASP A 89 -20.45 -6.35 17.27
CA ASP A 89 -21.75 -6.65 17.89
C ASP A 89 -22.13 -8.11 17.66
N ALA A 90 -23.31 -8.49 18.15
CA ALA A 90 -23.80 -9.87 18.06
C ALA A 90 -23.89 -10.40 16.63
N ASN A 91 -24.29 -9.53 15.70
CA ASN A 91 -24.50 -9.93 14.31
C ASN A 91 -23.31 -9.66 13.39
N ASN A 92 -22.20 -9.20 13.96
CA ASN A 92 -21.03 -8.77 13.19
C ASN A 92 -21.46 -7.86 12.05
N THR A 93 -22.21 -6.82 12.39
CA THR A 93 -22.82 -5.94 11.38
C THR A 93 -21.76 -5.32 10.49
N TYR A 94 -21.93 -5.45 9.17
CA TYR A 94 -21.06 -4.79 8.22
C TYR A 94 -21.65 -3.43 7.92
N VAL A 95 -20.83 -2.41 8.14
CA VAL A 95 -21.25 -1.01 7.96
C VAL A 95 -20.60 -0.48 6.69
N GLN A 96 -21.40 0.18 5.86
CA GLN A 96 -20.91 0.85 4.66
C GLN A 96 -21.43 2.26 4.58
N HIS A 97 -20.53 3.21 4.40
CA HIS A 97 -20.84 4.62 4.19
C HIS A 97 -20.53 4.88 2.72
N ILE A 98 -21.58 5.15 1.94
CA ILE A 98 -21.50 5.06 0.48
C ILE A 98 -21.85 6.35 -0.22
N LEU A 99 -20.97 6.76 -1.14
CA LEU A 99 -21.28 7.78 -2.15
C LEU A 99 -21.47 7.10 -3.50
N ASN A 100 -22.56 7.38 -4.19
CA ASN A 100 -22.83 6.81 -5.50
C ASN A 100 -22.69 7.89 -6.57
N PHE A 101 -21.96 7.58 -7.65
CA PHE A 101 -21.79 8.50 -8.78
C PHE A 101 -22.25 7.85 -10.08
N ASN A 102 -22.93 8.61 -10.92
CA ASN A 102 -23.19 8.17 -12.28
C ASN A 102 -23.10 9.30 -13.30
N GLU A 103 -22.52 10.41 -12.89
CA GLU A 103 -22.50 11.63 -13.69
C GLU A 103 -21.41 11.61 -14.74
N THR A 104 -21.64 12.32 -15.84
CA THR A 104 -20.68 12.43 -16.93
C THR A 104 -19.98 13.80 -16.97
N ASP A 105 -20.28 14.63 -15.97
CA ASP A 105 -19.53 15.84 -15.68
C ASP A 105 -18.88 15.67 -14.31
N TRP A 106 -17.73 16.31 -14.09
CA TRP A 106 -17.06 16.22 -12.79
C TRP A 106 -18.03 16.64 -11.69
N THR A 107 -18.19 15.77 -10.70
CA THR A 107 -19.16 15.94 -9.64
C THR A 107 -18.51 15.65 -8.30
N TYR A 108 -18.80 16.49 -7.31
CA TYR A 108 -18.31 16.34 -5.94
C TYR A 108 -19.45 15.85 -5.06
N LYS A 109 -19.19 14.81 -4.26
CA LYS A 109 -20.15 14.33 -3.26
C LYS A 109 -19.45 14.09 -1.95
N GLN A 110 -20.20 14.19 -0.85
CA GLN A 110 -19.63 14.00 0.46
C GLN A 110 -20.66 13.45 1.43
N LEU A 111 -20.16 12.85 2.51
CA LEU A 111 -21.02 12.37 3.57
C LEU A 111 -20.26 12.46 4.90
N LEU A 112 -21.02 12.49 5.98
CA LEU A 112 -20.48 12.49 7.33
C LEU A 112 -20.86 11.18 8.01
N PHE A 113 -19.95 10.61 8.79
CA PHE A 113 -20.30 9.50 9.67
C PHE A 113 -19.49 9.57 10.95
N THR A 114 -19.93 8.81 11.95
CA THR A 114 -19.24 8.73 13.23
C THR A 114 -18.92 7.27 13.50
N THR A 115 -17.65 6.99 13.78
CA THR A 115 -17.21 5.62 13.98
C THR A 115 -17.67 5.07 15.33
N PRO A 116 -17.77 3.73 15.45
CA PRO A 116 -18.19 3.09 16.70
C PRO A 116 -17.10 3.15 17.77
N ASP A 117 -17.43 2.63 18.95
CA ASP A 117 -16.50 2.56 20.05
C ASP A 117 -15.42 1.51 19.81
N VAL A 118 -15.79 0.44 19.10
CA VAL A 118 -14.89 -0.67 18.81
C VAL A 118 -15.14 -1.15 17.37
N PHE A 119 -14.06 -1.46 16.65
CA PHE A 119 -14.16 -2.03 15.30
C PHE A 119 -14.01 -3.54 15.31
N GLY A 120 -14.80 -4.20 14.47
CA GLY A 120 -14.70 -5.66 14.27
C GLY A 120 -13.73 -6.06 13.17
N SER A 121 -13.43 -5.13 12.27
CA SER A 121 -12.40 -5.32 11.23
C SER A 121 -11.79 -3.98 10.86
N THR A 122 -10.62 -4.01 10.23
CA THR A 122 -9.93 -2.77 9.83
C THR A 122 -10.72 -2.06 8.73
N PRO A 123 -11.04 -0.77 8.92
CA PRO A 123 -11.78 -0.07 7.88
C PRO A 123 -11.07 -0.07 6.53
N GLN A 124 -11.88 -0.13 5.49
CA GLN A 124 -11.40 -0.09 4.13
C GLN A 124 -12.12 1.02 3.38
N LEU A 125 -11.34 1.73 2.56
CA LEU A 125 -11.86 2.67 1.60
C LEU A 125 -11.85 1.97 0.26
N ALA A 126 -13.05 1.79 -0.31
CA ALA A 126 -13.22 1.14 -1.58
C ALA A 126 -13.66 2.14 -2.65
N LEU A 127 -13.01 2.04 -3.81
CA LEU A 127 -13.41 2.75 -5.01
C LEU A 127 -13.93 1.67 -5.95
N TRP A 128 -15.25 1.52 -6.07
CA TRP A 128 -15.81 0.38 -6.77
C TRP A 128 -16.64 0.82 -7.96
N LYS A 129 -16.09 0.60 -9.15
CA LYS A 129 -16.78 0.93 -10.39
C LYS A 129 -17.53 -0.32 -10.88
N GLY A 130 -18.71 -0.54 -10.31
CA GLY A 130 -19.52 -1.71 -10.61
C GLY A 130 -20.15 -1.71 -11.99
N ASP A 131 -20.27 -0.55 -12.61
CA ASP A 131 -20.75 -0.44 -14.00
C ASP A 131 -19.99 -1.36 -14.97
N THR A 132 -20.70 -1.92 -15.96
CA THR A 132 -20.08 -2.75 -17.02
C THR A 132 -20.29 -2.26 -18.46
N SER A 133 -20.77 -1.03 -18.62
CA SER A 133 -20.73 -0.41 -19.92
C SER A 133 -19.26 -0.14 -20.28
N LYS A 134 -19.04 0.41 -21.46
CA LYS A 134 -17.69 0.77 -21.89
C LYS A 134 -17.16 2.02 -21.20
N ALA A 135 -18.00 2.72 -20.42
CA ALA A 135 -17.60 3.98 -19.82
C ALA A 135 -16.36 3.85 -18.93
N ASN A 136 -15.39 4.75 -19.15
CA ASN A 136 -14.28 4.89 -18.22
C ASN A 136 -14.68 5.79 -17.06
N LEU A 137 -14.11 5.53 -15.89
CA LEU A 137 -14.39 6.31 -14.70
C LEU A 137 -13.12 7.07 -14.30
N TYR A 138 -13.26 8.37 -14.06
CA TYR A 138 -12.19 9.20 -13.49
C TYR A 138 -12.59 9.55 -12.07
N VAL A 139 -11.64 9.46 -11.14
CA VAL A 139 -11.88 9.87 -9.76
C VAL A 139 -10.63 10.58 -9.26
N ASP A 140 -10.82 11.60 -8.42
CA ASP A 140 -9.69 12.39 -7.92
C ASP A 140 -10.09 13.00 -6.58
N ASP A 141 -9.08 13.40 -5.82
CA ASP A 141 -9.26 14.10 -4.55
C ASP A 141 -10.26 13.39 -3.63
N VAL A 142 -9.92 12.14 -3.31
CA VAL A 142 -10.68 11.31 -2.38
C VAL A 142 -10.16 11.58 -0.97
N TYR A 143 -10.98 12.24 -0.16
CA TYR A 143 -10.60 12.69 1.16
C TYR A 143 -11.45 12.06 2.25
N LEU A 144 -10.83 11.85 3.40
CA LEU A 144 -11.53 11.34 4.57
C LEU A 144 -10.95 12.06 5.77
N VAL A 145 -11.67 13.09 6.23
CA VAL A 145 -11.11 14.04 7.18
C VAL A 145 -11.77 13.89 8.54
N GLU A 146 -10.96 13.96 9.58
CA GLU A 146 -11.44 13.97 10.95
C GLU A 146 -11.84 15.38 11.34
N VAL A 147 -13.03 15.52 11.93
CA VAL A 147 -13.48 16.77 12.55
C VAL A 147 -14.06 16.49 13.94
N ALA B 2 28.79 -24.62 -1.50
CA ALA B 2 29.45 -23.29 -1.51
C ALA B 2 28.79 -22.33 -0.54
N HIS B 3 29.55 -21.35 -0.07
CA HIS B 3 29.04 -20.27 0.76
C HIS B 3 28.96 -19.04 -0.14
N MET B 4 27.73 -18.61 -0.44
CA MET B 4 27.52 -17.48 -1.33
C MET B 4 27.35 -16.20 -0.54
N VAL B 5 28.02 -15.15 -0.98
CA VAL B 5 28.02 -13.88 -0.26
C VAL B 5 26.65 -13.21 -0.24
N ASN B 6 26.19 -12.87 0.95
CA ASN B 6 24.99 -12.06 1.14
C ASN B 6 25.40 -10.60 1.03
N MET B 7 24.80 -9.89 0.10
CA MET B 7 25.10 -8.47 -0.15
C MET B 7 24.46 -7.53 0.86
N VAL B 8 23.53 -8.05 1.67
CA VAL B 8 22.83 -7.22 2.65
C VAL B 8 23.70 -7.03 3.89
N SER B 9 23.85 -5.78 4.32
CA SER B 9 24.59 -5.47 5.55
C SER B 9 23.67 -5.66 6.75
N ASN B 10 24.20 -6.24 7.83
CA ASN B 10 23.41 -6.54 9.04
C ASN B 10 22.11 -7.26 8.67
N PRO B 11 22.23 -8.39 7.96
CA PRO B 11 21.07 -9.03 7.36
C PRO B 11 20.12 -9.70 8.35
N GLY B 12 20.61 -9.96 9.55
CA GLY B 12 19.84 -10.62 10.60
C GLY B 12 19.55 -9.70 11.78
N PHE B 13 19.83 -8.40 11.60
CA PHE B 13 19.60 -7.42 12.67
C PHE B 13 20.36 -7.74 13.94
N GLU B 14 21.42 -8.53 13.83
CA GLU B 14 22.21 -8.89 15.00
C GLU B 14 23.03 -7.71 15.50
N ASP B 15 23.30 -6.76 14.60
CA ASP B 15 23.91 -5.46 14.94
C ASP B 15 22.83 -4.40 15.08
N GLY B 16 21.62 -4.83 15.47
CA GLY B 16 20.55 -3.91 15.77
C GLY B 16 20.07 -3.23 14.49
N LEU B 17 19.98 -1.90 14.53
CA LEU B 17 19.59 -1.18 13.33
C LEU B 17 20.77 -0.72 12.47
N ASP B 18 21.98 -1.14 12.80
CA ASP B 18 23.15 -0.80 12.00
C ASP B 18 22.88 -1.09 10.52
N SER B 19 23.15 -0.10 9.66
CA SER B 19 23.08 -0.23 8.20
C SER B 19 21.66 -0.14 7.61
N TRP B 20 20.64 0.00 8.46
CA TRP B 20 19.26 0.10 7.98
C TRP B 20 18.72 1.51 8.19
N GLN B 21 18.24 2.11 7.10
CA GLN B 21 17.57 3.40 7.19
C GLN B 21 16.20 3.18 7.80
N ASP B 22 15.81 4.12 8.66
CA ASP B 22 14.57 4.05 9.41
C ASP B 22 13.67 5.19 8.94
N TRP B 23 12.75 4.90 8.03
CA TRP B 23 12.07 5.98 7.30
C TRP B 23 10.92 6.63 8.06
N GLN B 24 10.26 5.88 8.94
CA GLN B 24 9.09 6.34 9.67
C GLN B 24 9.29 6.40 11.18
N GLN B 25 10.51 6.12 11.64
CA GLN B 25 10.81 6.12 13.08
C GLN B 25 9.95 5.10 13.82
N ASP B 26 9.72 3.98 13.14
CA ASP B 26 8.80 2.95 13.59
C ASP B 26 9.47 1.56 13.64
N MET B 27 10.80 1.56 13.68
CA MET B 27 11.61 0.32 13.66
C MET B 27 12.36 0.11 14.95
N SER B 28 12.45 -1.15 15.37
CA SER B 28 13.29 -1.52 16.51
C SER B 28 13.79 -2.92 16.36
N ALA B 29 15.01 -3.16 16.84
CA ALA B 29 15.59 -4.49 16.84
C ALA B 29 15.32 -5.11 18.19
N VAL B 30 14.55 -6.20 18.20
CA VAL B 30 14.05 -6.76 19.45
C VAL B 30 14.04 -8.28 19.41
N PRO B 31 14.12 -8.93 20.58
CA PRO B 31 14.14 -10.40 20.62
C PRO B 31 12.90 -11.07 20.02
N GLU B 32 11.71 -10.52 20.26
CA GLU B 32 10.51 -11.21 19.82
C GLU B 32 10.40 -11.31 18.31
N ALA B 33 11.16 -10.48 17.61
CA ALA B 33 11.15 -10.48 16.14
C ALA B 33 12.23 -11.37 15.55
N ALA B 34 13.00 -12.09 16.38
CA ALA B 34 14.09 -12.91 15.89
C ALA B 34 13.61 -14.24 15.36
N HIS B 35 13.96 -14.53 14.12
CA HIS B 35 13.82 -15.88 13.58
C HIS B 35 15.10 -16.69 13.81
N ASN B 36 16.25 -16.00 13.76
CA ASN B 36 17.55 -16.56 14.08
C ASN B 36 18.33 -15.54 14.86
N GLY B 37 19.31 -16.02 15.63
CA GLY B 37 20.10 -15.11 16.43
C GLY B 37 19.34 -14.51 17.59
N ALA B 38 19.82 -13.38 18.07
CA ALA B 38 19.27 -12.74 19.26
C ALA B 38 18.16 -11.74 18.97
N LEU B 39 18.14 -11.23 17.74
CA LEU B 39 17.28 -10.08 17.40
C LEU B 39 16.64 -10.27 16.03
N GLY B 40 15.53 -9.57 15.85
CA GLY B 40 14.94 -9.36 14.52
C GLY B 40 14.42 -7.94 14.43
N LEU B 41 13.92 -7.55 13.26
CA LEU B 41 13.37 -6.22 13.10
C LEU B 41 11.86 -6.26 13.34
N LYS B 42 11.41 -5.37 14.22
CA LYS B 42 9.99 -5.12 14.43
C LYS B 42 9.63 -3.77 13.79
N ILE B 43 8.63 -3.81 12.91
CA ILE B 43 8.06 -2.59 12.37
C ILE B 43 6.68 -2.45 12.99
N GLY B 44 6.50 -1.37 13.75
CA GLY B 44 5.29 -1.21 14.55
C GLY B 44 4.04 -0.99 13.74
N GLY B 45 2.95 -1.57 14.18
CA GLY B 45 1.66 -1.43 13.48
C GLY B 45 0.99 -0.07 13.63
N GLY B 46 -0.10 0.12 12.87
CA GLY B 46 -0.99 1.27 13.03
C GLY B 46 -0.89 2.32 11.94
N LYS B 47 0.15 2.23 11.11
CA LYS B 47 0.39 3.12 9.98
C LYS B 47 1.41 2.44 9.08
N ALA B 48 1.44 2.80 7.79
CA ALA B 48 2.47 2.30 6.87
C ALA B 48 3.83 2.75 7.37
N ALA B 49 4.82 1.85 7.30
CA ALA B 49 6.16 2.19 7.76
C ALA B 49 7.16 1.20 7.19
N GLY B 50 8.41 1.63 7.08
CA GLY B 50 9.46 0.72 6.70
C GLY B 50 10.84 1.31 6.76
N GLY B 51 11.76 0.62 6.11
CA GLY B 51 13.14 1.02 6.11
C GLY B 51 13.84 0.28 5.00
N GLY B 52 15.13 0.52 4.86
CA GLY B 52 15.85 -0.11 3.77
C GLY B 52 17.31 0.22 3.72
N GLN B 53 17.96 -0.28 2.67
CA GLN B 53 19.35 0.07 2.44
C GLN B 53 19.68 0.06 0.97
N ASP B 54 20.66 0.88 0.61
CA ASP B 54 21.06 1.03 -0.78
C ASP B 54 22.20 0.06 -1.04
N ILE B 55 22.06 -0.71 -2.12
CA ILE B 55 23.00 -1.77 -2.44
C ILE B 55 23.34 -1.74 -3.93
N PRO B 56 24.51 -1.18 -4.29
CA PRO B 56 24.97 -1.25 -5.69
C PRO B 56 25.03 -2.69 -6.20
N LEU B 57 24.49 -2.91 -7.40
CA LEU B 57 24.42 -4.24 -8.00
C LEU B 57 25.14 -4.26 -9.35
N LYS B 58 25.51 -5.44 -9.81
CA LYS B 58 26.12 -5.63 -11.12
C LYS B 58 25.06 -5.60 -12.22
N PRO B 59 25.40 -5.04 -13.41
CA PRO B 59 24.47 -5.12 -14.52
C PRO B 59 24.38 -6.55 -15.07
N ASN B 60 23.30 -6.85 -15.80
CA ASN B 60 23.13 -8.14 -16.48
C ASN B 60 23.40 -9.36 -15.59
N THR B 61 22.93 -9.29 -14.35
CA THR B 61 23.26 -10.28 -13.34
C THR B 61 21.99 -10.73 -12.61
N THR B 62 21.91 -12.03 -12.34
CA THR B 62 20.77 -12.61 -11.62
C THR B 62 21.05 -12.69 -10.13
N TYR B 63 20.06 -12.29 -9.33
CA TYR B 63 20.14 -12.28 -7.87
C TYR B 63 18.97 -13.01 -7.23
N ILE B 64 19.23 -13.63 -6.08
CA ILE B 64 18.18 -14.15 -5.19
C ILE B 64 17.88 -13.08 -4.14
N LEU B 65 16.59 -12.71 -4.00
CA LEU B 65 16.12 -11.85 -2.92
C LEU B 65 15.22 -12.71 -2.04
N GLY B 66 15.49 -12.78 -0.74
CA GLY B 66 14.71 -13.60 0.17
C GLY B 66 14.62 -13.00 1.55
N ALA B 67 13.64 -13.46 2.32
CA ALA B 67 13.51 -13.03 3.73
C ALA B 67 12.57 -13.95 4.49
N TRP B 68 12.75 -13.98 5.82
CA TRP B 68 11.77 -14.56 6.73
C TRP B 68 10.92 -13.43 7.33
N ALA B 69 9.61 -13.64 7.41
CA ALA B 69 8.75 -12.61 8.01
C ALA B 69 7.50 -13.24 8.60
N LYS B 70 6.91 -12.50 9.54
CA LYS B 70 5.56 -12.78 10.01
C LYS B 70 4.97 -11.56 10.69
N PHE B 71 3.65 -11.45 10.60
CA PHE B 71 2.89 -10.48 11.39
C PHE B 71 2.50 -11.14 12.70
N ASP B 72 2.40 -10.36 13.79
CA ASP B 72 2.07 -10.93 15.09
C ASP B 72 0.57 -11.13 15.30
N SER B 73 -0.24 -10.66 14.34
CA SER B 73 -1.69 -10.86 14.26
C SER B 73 -2.09 -10.60 12.81
N LYS B 74 -3.32 -10.95 12.42
CA LYS B 74 -3.75 -10.79 11.02
C LYS B 74 -3.65 -9.36 10.50
N PRO B 75 -2.89 -9.14 9.41
CA PRO B 75 -2.87 -7.80 8.82
C PRO B 75 -4.07 -7.56 7.91
N ALA B 76 -4.29 -6.30 7.57
CA ALA B 76 -5.24 -5.94 6.53
C ALA B 76 -4.57 -6.01 5.16
N GLY B 77 -3.34 -5.48 5.07
CA GLY B 77 -2.56 -5.49 3.84
C GLY B 77 -1.38 -6.44 3.93
N THR B 78 -0.22 -5.97 3.48
CA THR B 78 0.95 -6.82 3.40
C THR B 78 2.20 -6.13 3.91
N PHE B 79 3.24 -6.94 4.09
CA PHE B 79 4.61 -6.50 4.27
C PHE B 79 5.35 -6.95 3.03
N ASP B 80 6.09 -6.03 2.41
CA ASP B 80 6.74 -6.31 1.13
C ASP B 80 8.26 -6.14 1.26
N VAL B 81 8.98 -7.10 0.70
CA VAL B 81 10.43 -7.06 0.60
C VAL B 81 10.73 -6.82 -0.88
N VAL B 82 11.49 -5.76 -1.17
CA VAL B 82 11.57 -5.25 -2.53
C VAL B 82 13.00 -4.89 -2.89
N VAL B 83 13.41 -5.21 -4.12
CA VAL B 83 14.56 -4.54 -4.73
C VAL B 83 14.01 -3.66 -5.84
N GLN B 84 14.41 -2.38 -5.82
CA GLN B 84 13.86 -1.39 -6.73
C GLN B 84 14.95 -0.47 -7.27
N TYR B 85 14.77 -0.06 -8.52
CA TYR B 85 15.69 0.83 -9.23
C TYR B 85 15.03 1.31 -10.51
N HIS B 86 15.55 2.39 -11.06
CA HIS B 86 15.09 2.90 -12.34
C HIS B 86 15.92 2.34 -13.48
N LEU B 87 15.29 2.26 -14.66
CA LEU B 87 16.02 2.00 -15.89
C LEU B 87 16.51 3.32 -16.44
N LYS B 88 17.52 3.24 -17.31
CA LYS B 88 18.06 4.42 -17.97
C LYS B 88 17.51 4.46 -19.40
N ASP B 89 16.18 4.53 -19.50
CA ASP B 89 15.50 4.69 -20.78
C ASP B 89 14.69 5.98 -20.80
N ALA B 90 13.96 6.21 -21.90
CA ALA B 90 13.20 7.45 -22.09
C ALA B 90 12.10 7.70 -21.07
N ASN B 91 11.43 6.63 -20.64
CA ASN B 91 10.33 6.77 -19.68
C ASN B 91 10.78 6.74 -18.22
N ASN B 92 12.08 6.61 -18.00
CA ASN B 92 12.67 6.37 -16.67
C ASN B 92 11.87 5.35 -15.86
N THR B 93 11.69 4.17 -16.47
CA THR B 93 10.90 3.07 -15.92
C THR B 93 11.39 2.68 -14.54
N TYR B 94 10.46 2.63 -13.58
CA TYR B 94 10.77 2.16 -12.23
C TYR B 94 10.48 0.67 -12.15
N VAL B 95 11.49 -0.07 -11.76
CA VAL B 95 11.42 -1.52 -11.68
C VAL B 95 11.39 -1.92 -10.21
N GLN B 96 10.45 -2.80 -9.86
CA GLN B 96 10.36 -3.34 -8.52
C GLN B 96 10.20 -4.85 -8.56
N HIS B 97 11.06 -5.54 -7.81
CA HIS B 97 10.97 -6.99 -7.64
C HIS B 97 10.46 -7.19 -6.23
N ILE B 98 9.25 -7.72 -6.11
CA ILE B 98 8.47 -7.64 -4.88
C ILE B 98 8.07 -9.01 -4.35
N LEU B 99 8.38 -9.26 -3.07
CA LEU B 99 7.83 -10.38 -2.31
C LEU B 99 6.77 -9.81 -1.39
N ASN B 100 5.58 -10.42 -1.40
CA ASN B 100 4.49 -9.99 -0.53
C ASN B 100 4.29 -10.99 0.59
N PHE B 101 4.18 -10.51 1.82
CA PHE B 101 3.90 -11.34 2.98
C PHE B 101 2.64 -10.85 3.68
N ASN B 102 1.79 -11.79 4.06
CA ASN B 102 0.69 -11.45 4.98
C ASN B 102 0.52 -12.49 6.05
N GLU B 103 1.50 -13.36 6.20
CA GLU B 103 1.41 -14.51 7.07
C GLU B 103 1.57 -14.16 8.54
N THR B 104 0.90 -14.95 9.38
CA THR B 104 0.98 -14.78 10.81
C THR B 104 1.83 -15.87 11.49
N ASP B 105 2.49 -16.67 10.65
CA ASP B 105 3.44 -17.69 11.05
C ASP B 105 4.75 -17.37 10.30
N TRP B 106 5.91 -17.64 10.91
CA TRP B 106 7.20 -17.37 10.24
C TRP B 106 7.22 -18.06 8.89
N THR B 107 7.53 -17.28 7.85
CA THR B 107 7.43 -17.73 6.48
C THR B 107 8.62 -17.20 5.72
N TYR B 108 9.24 -18.07 4.92
CA TYR B 108 10.33 -17.68 4.03
C TYR B 108 9.84 -17.59 2.62
N LYS B 109 10.17 -16.49 1.93
CA LYS B 109 9.92 -16.37 0.49
C LYS B 109 11.14 -15.81 -0.21
N GLN B 110 11.33 -16.23 -1.45
CA GLN B 110 12.39 -15.66 -2.26
C GLN B 110 11.99 -15.58 -3.73
N LEU B 111 12.66 -14.70 -4.45
CA LEU B 111 12.51 -14.58 -5.89
C LEU B 111 13.88 -14.40 -6.51
N LEU B 112 13.94 -14.58 -7.82
CA LEU B 112 15.14 -14.28 -8.58
C LEU B 112 14.81 -13.17 -9.57
N PHE B 113 15.77 -12.28 -9.80
CA PHE B 113 15.61 -11.24 -10.80
C PHE B 113 16.92 -11.01 -11.50
N THR B 114 16.84 -10.46 -12.70
CA THR B 114 18.02 -10.14 -13.49
C THR B 114 18.08 -8.64 -13.78
N THR B 115 19.20 -8.03 -13.42
CA THR B 115 19.38 -6.59 -13.56
C THR B 115 19.58 -6.16 -15.02
N PRO B 116 19.30 -4.88 -15.34
CA PRO B 116 19.48 -4.37 -16.70
C PRO B 116 20.95 -4.11 -17.05
N ASP B 117 21.18 -3.65 -18.28
CA ASP B 117 22.52 -3.31 -18.75
C ASP B 117 23.07 -2.08 -18.06
N VAL B 118 22.20 -1.10 -17.83
CA VAL B 118 22.57 0.15 -17.18
C VAL B 118 21.48 0.49 -16.15
N PHE B 119 21.89 1.06 -15.01
CA PHE B 119 20.96 1.49 -13.98
C PHE B 119 20.66 2.98 -14.10
N GLY B 120 19.40 3.35 -13.87
CA GLY B 120 18.99 4.75 -13.85
C GLY B 120 19.10 5.35 -12.46
N SER B 121 19.11 4.48 -11.45
CA SER B 121 19.32 4.86 -10.06
C SER B 121 19.92 3.67 -9.30
N THR B 122 20.48 3.94 -8.13
CA THR B 122 21.10 2.90 -7.30
C THR B 122 20.02 1.97 -6.71
N PRO B 123 20.18 0.64 -6.90
CA PRO B 123 19.21 -0.26 -6.30
C PRO B 123 19.04 -0.09 -4.79
N GLN B 124 17.80 -0.19 -4.35
CA GLN B 124 17.47 -0.14 -2.94
C GLN B 124 16.72 -1.40 -2.56
N LEU B 125 17.10 -1.97 -1.41
CA LEU B 125 16.34 -3.05 -0.80
C LEU B 125 15.44 -2.39 0.23
N ALA B 126 14.13 -2.45 -0.02
CA ALA B 126 13.11 -1.89 0.86
C ALA B 126 12.37 -2.97 1.65
N LEU B 127 12.16 -2.67 2.93
CA LEU B 127 11.31 -3.45 3.79
C LEU B 127 10.11 -2.56 4.06
N TRP B 128 9.02 -2.78 3.33
CA TRP B 128 7.92 -1.83 3.33
C TRP B 128 6.67 -2.49 3.89
N LYS B 129 6.33 -2.10 5.12
CA LYS B 129 5.13 -2.59 5.77
C LYS B 129 3.98 -1.63 5.49
N GLY B 130 3.40 -1.74 4.29
CA GLY B 130 2.34 -0.86 3.87
C GLY B 130 1.04 -1.09 4.62
N ASP B 131 0.89 -2.27 5.23
CA ASP B 131 -0.25 -2.58 6.07
C ASP B 131 -0.47 -1.49 7.12
N THR B 132 -1.73 -1.12 7.33
CA THR B 132 -2.10 -0.07 8.29
C THR B 132 -2.91 -0.59 9.47
N SER B 133 -3.12 -1.91 9.55
CA SER B 133 -3.74 -2.54 10.71
C SER B 133 -2.85 -2.39 11.96
N LYS B 134 -3.36 -2.85 13.09
CA LYS B 134 -2.61 -2.80 14.36
C LYS B 134 -1.51 -3.85 14.44
N ALA B 135 -1.50 -4.80 13.50
CA ALA B 135 -0.51 -5.88 13.51
C ALA B 135 0.92 -5.33 13.46
N ASN B 136 1.79 -5.90 14.30
CA ASN B 136 3.22 -5.64 14.19
C ASN B 136 3.87 -6.63 13.23
N LEU B 137 4.90 -6.17 12.54
CA LEU B 137 5.59 -7.01 11.58
C LEU B 137 6.99 -7.34 12.09
N TYR B 138 7.34 -8.62 12.00
CA TYR B 138 8.68 -9.10 12.29
C TYR B 138 9.33 -9.58 11.00
N VAL B 139 10.60 -9.19 10.80
CA VAL B 139 11.35 -9.65 9.63
C VAL B 139 12.78 -9.93 10.09
N ASP B 140 13.38 -10.96 9.50
CA ASP B 140 14.73 -11.36 9.88
C ASP B 140 15.34 -12.10 8.72
N ASP B 141 16.67 -12.24 8.76
CA ASP B 141 17.42 -13.06 7.79
C ASP B 141 17.09 -12.70 6.34
N VAL B 142 17.36 -11.44 6.01
CA VAL B 142 17.18 -10.93 4.67
C VAL B 142 18.39 -11.33 3.81
N TYR B 143 18.13 -11.75 2.58
CA TYR B 143 19.17 -12.20 1.66
C TYR B 143 19.07 -11.46 0.34
N LEU B 144 20.24 -11.05 -0.18
CA LEU B 144 20.38 -10.63 -1.57
C LEU B 144 21.70 -11.23 -2.07
N VAL B 145 21.59 -12.21 -2.96
CA VAL B 145 22.73 -13.09 -3.29
C VAL B 145 22.87 -13.28 -4.81
N GLU B 146 24.07 -13.09 -5.33
CA GLU B 146 24.33 -13.23 -6.77
C GLU B 146 24.33 -14.69 -7.21
C2 BGC C . -26.89 2.33 -2.42
C3 BGC C . -26.12 1.09 -2.86
C4 BGC C . -26.04 0.03 -1.76
C5 BGC C . -27.42 -0.20 -1.10
C6 BGC C . -27.33 -1.07 0.15
C1 BGC C . -28.21 1.94 -1.78
O1 BGC C . -28.82 3.10 -1.27
O2 BGC C . -27.13 3.18 -3.53
O3 BGC C . -24.82 1.48 -3.29
O4 BGC C . -25.58 -1.21 -2.29
O5 BGC C . -28.00 1.03 -0.73
O6 BGC C . -26.41 -0.51 1.08
C2 BGC C . -24.09 -3.13 -1.90
C3 BGC C . -22.67 -3.53 -1.51
C4 BGC C . -21.60 -2.68 -2.19
C5 BGC C . -21.96 -1.20 -2.06
C6 BGC C . -21.03 -0.29 -2.84
C1 BGC C . -24.28 -1.62 -1.78
O2 BGC C . -25.02 -3.84 -1.09
O3 BGC C . -22.43 -4.91 -1.80
O4 BGC C . -20.37 -2.95 -1.56
O5 BGC C . -23.29 -0.97 -2.52
O6 BGC C . -20.97 -0.68 -4.20
C2 BGC C . -17.99 -2.91 -1.66
C3 BGC C . -16.75 -3.26 -2.49
C4 BGC C . -16.92 -4.62 -3.17
C5 BGC C . -18.23 -4.63 -3.94
C6 BGC C . -18.38 -5.96 -4.70
C1 BGC C . -19.27 -3.12 -2.46
O2 BGC C . -17.94 -1.56 -1.25
O3 BGC C . -15.59 -3.24 -1.67
O4 BGC C . -15.88 -4.81 -4.11
O5 BGC C . -19.31 -4.41 -3.06
O6 BGC C . -19.62 -6.03 -5.34
C2 BGC C . -14.10 -6.16 -4.96
C3 BGC C . -12.98 -7.14 -4.60
C4 BGC C . -12.23 -6.68 -3.34
C5 BGC C . -13.20 -6.29 -2.23
C6 BGC C . -12.47 -5.66 -1.05
C1 BGC C . -14.94 -5.83 -3.74
O2 BGC C . -14.91 -6.74 -5.97
O3 BGC C . -12.12 -7.26 -5.72
O4 BGC C . -11.47 -7.75 -2.82
O5 BGC C . -14.13 -5.32 -2.70
O6 BGC C . -13.40 -5.44 -0.02
C2 BGC C . -9.23 -8.45 -2.21
C3 BGC C . -7.81 -8.54 -2.72
C4 BGC C . -7.79 -9.24 -4.08
C5 BGC C . -8.76 -8.58 -5.05
C6 BGC C . -8.88 -9.41 -6.33
C1 BGC C . -10.11 -7.77 -3.27
O2 BGC C . -9.25 -7.73 -1.00
O3 BGC C . -7.02 -9.27 -1.80
O4 BGC C . -6.49 -9.16 -4.61
O5 BGC C . -10.05 -8.49 -4.47
O6 BGC C . -9.84 -8.85 -7.19
C2 BGC D . 1.96 -6.56 -5.86
C3 BGC D . 2.02 -5.21 -5.14
C4 BGC D . 2.48 -4.10 -6.06
C5 BGC D . 1.72 -4.12 -7.38
C6 BGC D . 2.30 -3.16 -8.42
C1 BGC D . 1.15 -6.40 -7.14
O1 BGC D . 1.07 -7.62 -7.83
O2 BGC D . 1.37 -7.53 -5.04
O3 BGC D . 2.87 -5.33 -4.01
O4 BGC D . 2.26 -2.85 -5.43
O5 BGC D . 1.76 -5.41 -7.94
O6 BGC D . 3.63 -3.54 -8.72
C2 BGC D . 3.11 -0.63 -5.14
C3 BGC D . 4.35 0.20 -4.86
C4 BGC D . 5.13 -0.37 -3.68
C5 BGC D . 5.36 -1.87 -3.87
C6 BGC D . 6.02 -2.54 -2.68
C1 BGC D . 3.48 -2.11 -5.27
O2 BGC D . 2.49 -0.15 -6.31
O3 BGC D . 3.94 1.53 -4.60
O4 BGC D . 6.39 0.27 -3.62
O5 BGC D . 4.11 -2.52 -4.09
O6 BGC D . 5.29 -2.25 -1.50
C2 BGC D . 8.22 0.98 -2.26
C3 BGC D . 8.61 1.73 -0.99
C4 BGC D . 7.82 3.04 -0.85
C5 BGC D . 6.33 2.74 -0.97
C6 BGC D . 5.52 4.03 -0.98
C1 BGC D . 6.71 0.80 -2.32
O2 BGC D . 8.85 -0.29 -2.27
O3 BGC D . 9.98 2.01 -1.06
O4 BGC D . 8.05 3.57 0.45
O5 BGC D . 6.06 2.06 -2.18
O6 BGC D . 4.12 3.76 -0.96
C2 BGC D . 8.74 5.37 1.84
C3 BGC D . 9.64 6.60 1.96
C4 BGC D . 11.08 6.30 1.53
C5 BGC D . 11.08 5.56 0.20
C6 BGC D . 12.48 5.09 -0.16
C1 BGC D . 8.86 4.74 0.45
O2 BGC D . 7.39 5.72 2.08
O3 BGC D . 9.59 7.06 3.28
O4 BGC D . 11.86 7.48 1.33
O5 BGC D . 10.21 4.43 0.22
O6 BGC D . 12.46 4.48 -1.43
C2 BGC D . 13.86 8.61 1.97
C3 BGC D . 14.69 9.08 3.16
C4 BGC D . 13.82 9.86 4.15
C5 BGC D . 12.52 9.10 4.47
C6 BGC D . 11.54 9.93 5.28
C1 BGC D . 12.65 7.84 2.46
O2 BGC D . 14.67 7.83 1.12
O3 BGC D . 15.75 9.89 2.72
O4 BGC D . 14.57 10.07 5.33
O5 BGC D . 11.88 8.69 3.27
O6 BGC D . 10.34 9.22 5.48
CA CA E . -5.07 14.71 -8.76
CA CA F . 18.29 -12.22 13.64
#